data_6GWE
#
_entry.id   6GWE
#
_cell.length_a   55.943
_cell.length_b   80.914
_cell.length_c   159.430
_cell.angle_alpha   90.000
_cell.angle_beta   90.000
_cell.angle_gamma   90.000
#
_symmetry.space_group_name_H-M   'P 21 21 21'
#
loop_
_entity.id
_entity.type
_entity.pdbx_description
1 polymer 'Thrombin heavy chain'
2 polymer 'Thrombin light chain'
3 non-polymer (10S,14S,17R)-14-(3-carbamimidamidopropyl)-3-[[2-(hydroxymethyl)phenyl]methyl]-5,12,15-tris(oxidanylidene)-19-thia-3,6,13,16-tetrazatricyclo[19.4.0.0^{6,10}]pentacosa-1(21),22,24-triene-17-carboxamide
4 non-polymer 2-acetamido-2-deoxy-beta-D-glucopyranose
5 non-polymer 1,2-ETHANEDIOL
6 non-polymer 'SODIUM ION'
7 water water
#
loop_
_entity_poly.entity_id
_entity_poly.type
_entity_poly.pdbx_seq_one_letter_code
_entity_poly.pdbx_strand_id
1 'polypeptide(L)'
;IVEGSDAEIGMSPWQVMLFRKSPQELLCGASLISDRWVLTAAHCLLYPPWDKNFTENDLLVRIGKHSRTRYERNIEKISM
LEKIYIHPRYNWRENLDRDIALMKLKKPVAFSDYIHPVCLPDRETAASLLQAGYKGRVTGWGNLKETWTANVGKGQPSVL
QVVNLPIVERPVCKDSTRIRITDNMFCAGYKPDEGKRGDACEGDSGGPFVMKSPFNNRWYQMGIVSWGEGCDRDGKYGFY
THVFRLKKWIQKVIDQFGE
;
A,H
2 'polypeptide(L)' TFGSGEADCGLRPLFEKKSLEDKTERELLESYIDGR L,B
#
loop_
_chem_comp.id
_chem_comp.type
_chem_comp.name
_chem_comp.formula
EDO non-polymer 1,2-ETHANEDIOL 'C2 H6 O2'
NA non-polymer 'SODIUM ION' 'Na 1'
NAG D-saccharide, beta linking 2-acetamido-2-deoxy-beta-D-glucopyranose 'C8 H15 N O6'
ODB peptide-like (10S,14S,17R)-14-(3-carbamimidamidopropyl)-3-[[2-(hydroxymethyl)phenyl]methyl]-5,12,15-tris(oxidanylidene)-19-thia-3,6,13,16-tetrazatricyclo[19.4.0.0^{6,10}]pentacosa-1(21),22,24-triene-17-carboxamide 'C33 H46 N8 O5 S'
#
# COMPACT_ATOMS: atom_id res chain seq x y z
N ILE A 1 -20.53 14.17 20.12
CA ILE A 1 -21.18 13.59 18.94
C ILE A 1 -22.67 13.96 18.94
N VAL A 2 -23.17 14.45 17.79
CA VAL A 2 -24.58 14.74 17.58
C VAL A 2 -25.23 13.59 16.83
N GLU A 3 -26.41 13.17 17.30
CA GLU A 3 -27.23 12.14 16.66
C GLU A 3 -26.48 10.83 16.51
N GLY A 4 -25.52 10.58 17.40
CA GLY A 4 -24.87 9.30 17.52
C GLY A 4 -25.61 8.36 18.45
N SER A 5 -24.89 7.34 18.92
CA SER A 5 -25.44 6.38 19.86
C SER A 5 -24.31 5.87 20.74
N ASP A 6 -24.68 5.17 21.81
CA ASP A 6 -23.69 4.64 22.75
C ASP A 6 -22.81 3.60 22.06
N ALA A 7 -21.51 3.76 22.21
CA ALA A 7 -20.58 2.75 21.75
C ALA A 7 -20.75 1.47 22.54
N GLU A 8 -20.53 0.33 21.86
CA GLU A 8 -20.34 -0.91 22.58
C GLU A 8 -18.99 -0.88 23.30
N ILE A 9 -18.89 -1.65 24.40
CA ILE A 9 -17.64 -1.71 25.16
C ILE A 9 -16.54 -2.25 24.27
N GLY A 10 -15.42 -1.54 24.21
CA GLY A 10 -14.32 -1.97 23.37
C GLY A 10 -14.50 -1.68 21.90
N MET A 11 -15.58 -1.03 21.50
CA MET A 11 -15.84 -0.72 20.10
C MET A 11 -14.75 0.15 19.48
N SER A 12 -14.16 1.05 20.26
CA SER A 12 -13.13 1.98 19.80
C SER A 12 -11.93 1.86 20.74
N PRO A 13 -11.21 0.74 20.69
CA PRO A 13 -10.14 0.53 21.69
C PRO A 13 -8.97 1.45 21.52
N TRP A 14 -8.95 2.26 20.45
CA TRP A 14 -7.89 3.24 20.22
C TRP A 14 -8.27 4.64 20.72
N GLN A 15 -9.43 4.78 21.37
CA GLN A 15 -9.89 6.08 21.84
CA GLN A 15 -9.88 6.09 21.83
C GLN A 15 -8.95 6.62 22.92
N VAL A 16 -8.77 7.94 22.93
CA VAL A 16 -7.94 8.62 23.91
C VAL A 16 -8.64 9.90 24.36
N MET A 17 -8.62 10.17 25.67
CA MET A 17 -9.12 11.42 26.22
C MET A 17 -7.96 12.34 26.56
N LEU A 18 -8.01 13.57 26.03
CA LEU A 18 -7.00 14.59 26.30
C LEU A 18 -7.55 15.55 27.34
N PHE A 19 -6.97 15.56 28.53
CA PHE A 19 -7.43 16.40 29.63
C PHE A 19 -6.43 17.50 29.91
N ARG A 20 -6.93 18.69 30.24
CA ARG A 20 -6.11 19.67 30.92
C ARG A 20 -5.82 19.18 32.34
N LYS A 21 -4.57 19.35 32.79
CA LYS A 21 -4.18 18.88 34.12
C LYS A 21 -4.98 19.57 35.22
N SER A 22 -4.90 20.92 35.30
CA SER A 22 -5.55 21.66 36.38
C SER A 22 -6.13 22.98 35.89
N PRO A 23 -7.45 23.21 36.05
CA PRO A 23 -8.39 22.22 36.58
C PRO A 23 -8.59 21.06 35.62
N GLN A 24 -8.66 19.86 36.15
CA GLN A 24 -8.86 18.66 35.33
C GLN A 24 -10.08 18.88 34.45
N GLU A 25 -9.88 19.01 33.14
CA GLU A 25 -10.97 19.32 32.21
C GLU A 25 -10.77 18.58 30.91
N LEU A 26 -11.81 17.87 30.46
CA LEU A 26 -11.77 17.20 29.18
C LEU A 26 -11.67 18.23 28.05
N LEU A 27 -10.61 18.13 27.26
CA LEU A 27 -10.33 19.09 26.20
C LEU A 27 -10.71 18.58 24.81
N CYS A 28 -10.42 17.31 24.50
CA CYS A 28 -10.41 16.89 23.11
C CYS A 28 -10.41 15.37 23.05
N GLY A 29 -10.70 14.85 21.84
CA GLY A 29 -10.39 13.48 21.53
C GLY A 29 -8.96 13.32 21.04
N ALA A 30 -8.55 12.06 20.95
CA ALA A 30 -7.23 11.70 20.46
C ALA A 30 -7.29 10.22 20.08
N SER A 31 -6.18 9.71 19.54
CA SER A 31 -6.18 8.32 19.12
C SER A 31 -4.82 7.69 19.39
N LEU A 32 -4.85 6.43 19.79
CA LEU A 32 -3.64 5.65 20.07
C LEU A 32 -3.19 4.95 18.79
N ILE A 33 -1.97 5.25 18.34
CA ILE A 33 -1.42 4.59 17.16
C ILE A 33 -0.25 3.66 17.47
N SER A 34 0.24 3.65 18.71
CA SER A 34 1.24 2.69 19.18
C SER A 34 1.24 2.77 20.70
N ASP A 35 2.08 1.93 21.31
CA ASP A 35 2.16 1.88 22.77
C ASP A 35 2.60 3.20 23.40
N ARG A 36 3.05 4.19 22.61
CA ARG A 36 3.43 5.46 23.24
C ARG A 36 3.28 6.69 22.33
N TRP A 37 2.54 6.61 21.22
CA TRP A 37 2.27 7.76 20.37
C TRP A 37 0.78 7.96 20.22
N VAL A 38 0.31 9.19 20.45
CA VAL A 38 -1.10 9.51 20.39
C VAL A 38 -1.31 10.63 19.37
N LEU A 39 -2.30 10.44 18.50
CA LEU A 39 -2.64 11.39 17.45
C LEU A 39 -3.80 12.27 17.90
N THR A 40 -3.73 13.56 17.60
CA THR A 40 -4.81 14.50 17.90
C THR A 40 -4.71 15.70 16.95
N ALA A 41 -5.62 16.67 17.13
CA ALA A 41 -5.62 17.90 16.35
C ALA A 41 -4.70 18.95 16.99
N ALA A 42 -3.88 19.60 16.17
CA ALA A 42 -3.00 20.66 16.66
C ALA A 42 -3.76 21.70 17.48
N HIS A 43 -4.88 22.20 16.93
CA HIS A 43 -5.68 23.22 17.60
C HIS A 43 -6.15 22.81 18.99
N CYS A 44 -6.09 21.51 19.33
CA CYS A 44 -6.32 21.13 20.71
C CYS A 44 -5.20 21.62 21.62
N LEU A 45 -4.00 21.79 21.08
CA LEU A 45 -2.84 22.29 21.81
C LEU A 45 -2.63 23.79 21.59
N LEU A 46 -2.64 24.25 20.35
CA LEU A 46 -2.30 25.63 20.02
C LEU A 46 -3.47 26.25 19.25
N TYR A 47 -4.17 27.18 19.90
CA TYR A 47 -5.11 28.07 19.21
C TYR A 47 -5.06 29.44 19.87
N PRO A 48 -4.23 30.35 19.36
CA PRO A 48 -4.10 31.70 19.96
C PRO A 48 -5.44 32.38 20.21
N PRO A 49 -6.37 32.42 19.22
CA PRO A 49 -7.60 33.20 19.44
C PRO A 49 -8.42 32.79 20.65
N TRP A 50 -8.13 31.65 21.27
CA TRP A 50 -8.69 31.28 22.56
C TRP A 50 -7.66 31.33 23.67
N ASP A 51 -6.54 32.03 23.44
CA ASP A 51 -5.37 32.05 24.34
C ASP A 51 -5.05 30.64 24.81
N LYS A 52 -4.80 29.77 23.83
CA LYS A 52 -4.55 28.36 24.06
C LYS A 52 -3.15 28.04 23.53
N ASN A 53 -2.23 27.72 24.45
CA ASN A 53 -0.92 27.21 24.08
C ASN A 53 -0.48 26.25 25.18
N PHE A 54 -0.92 25.01 25.08
CA PHE A 54 -0.57 23.99 26.04
C PHE A 54 0.80 23.40 25.73
N THR A 55 1.47 22.95 26.77
CA THR A 55 2.71 22.19 26.67
C THR A 55 2.46 20.81 27.23
N GLU A 56 3.49 19.97 27.17
CA GLU A 56 3.40 18.62 27.74
C GLU A 56 3.08 18.67 29.24
N ASN A 57 3.55 19.71 29.93
CA ASN A 57 3.31 19.86 31.36
C ASN A 57 1.81 19.95 31.69
N ASP A 58 1.04 20.59 30.81
CA ASP A 58 -0.35 20.96 31.10
C ASP A 58 -1.34 19.82 30.96
N LEU A 59 -0.93 18.68 30.40
CA LEU A 59 -1.91 17.72 29.90
C LEU A 59 -1.62 16.32 30.40
N LEU A 60 -2.70 15.53 30.43
CA LEU A 60 -2.72 14.09 30.65
C LEU A 60 -3.61 13.45 29.59
N VAL A 61 -3.43 12.15 29.35
CA VAL A 61 -4.36 11.39 28.54
C VAL A 61 -4.87 10.18 29.31
N ARG A 62 -6.17 9.90 29.18
CA ARG A 62 -6.76 8.68 29.71
C ARG A 62 -7.14 7.77 28.56
N ILE A 63 -6.81 6.47 28.71
CA ILE A 63 -6.96 5.46 27.66
C ILE A 63 -7.85 4.33 28.16
N GLY A 64 -8.58 3.71 27.23
CA GLY A 64 -9.39 2.54 27.53
C GLY A 64 -10.71 2.80 28.21
N LYS A 65 -11.09 4.07 28.43
CA LYS A 65 -12.31 4.33 29.18
C LYS A 65 -13.55 4.08 28.33
N HIS A 66 -14.69 4.00 29.00
CA HIS A 66 -15.95 3.76 28.32
C HIS A 66 -17.04 4.69 28.83
N SER A 67 -17.16 4.80 30.15
CA SER A 67 -18.09 5.74 30.77
C SER A 67 -17.30 6.88 31.39
N ARG A 68 -17.55 8.09 30.91
CA ARG A 68 -16.85 9.28 31.39
C ARG A 68 -16.97 9.44 32.90
N THR A 69 -18.11 9.05 33.46
CA THR A 69 -18.35 9.16 34.90
C THR A 69 -17.60 8.08 35.69
N ARG A 70 -18.10 6.85 35.61
CA ARG A 70 -17.51 5.67 36.25
C ARG A 70 -15.99 5.63 36.10
N TYR A 71 -15.30 5.24 37.17
CA TYR A 71 -13.88 4.94 37.10
C TYR A 71 -13.72 3.44 36.85
N GLU A 72 -13.15 3.10 35.70
CA GLU A 72 -13.01 1.70 35.29
C GLU A 72 -11.69 1.16 35.84
N ARG A 73 -11.75 0.61 37.05
CA ARG A 73 -10.56 0.05 37.69
C ARG A 73 -10.03 -1.13 36.89
N ASN A 74 -8.70 -1.17 36.76
CA ASN A 74 -7.94 -2.21 36.07
C ASN A 74 -8.20 -2.23 34.56
N ILE A 75 -8.97 -1.28 34.06
CA ILE A 75 -9.28 -1.16 32.63
C ILE A 75 -8.66 0.10 32.06
N GLU A 76 -8.93 1.25 32.67
CA GLU A 76 -8.46 2.50 32.13
C GLU A 76 -7.07 2.84 32.65
N LYS A 77 -6.32 3.54 31.83
CA LYS A 77 -4.97 3.96 32.16
C LYS A 77 -4.85 5.47 32.05
N ILE A 78 -3.76 5.98 32.60
CA ILE A 78 -3.45 7.40 32.63
C ILE A 78 -1.99 7.52 32.28
N SER A 79 -1.67 8.48 31.42
CA SER A 79 -0.28 8.74 31.08
C SER A 79 -0.02 10.24 31.01
N MET A 80 1.07 10.66 31.63
CA MET A 80 1.68 11.93 31.33
C MET A 80 2.34 11.86 29.96
N LEU A 81 2.76 13.02 29.46
CA LEU A 81 3.30 13.16 28.11
CA LEU A 81 3.30 13.14 28.11
C LEU A 81 4.75 13.58 28.17
N GLU A 82 5.58 12.94 27.34
CA GLU A 82 6.98 13.31 27.27
C GLU A 82 7.16 14.58 26.43
N LYS A 83 6.76 14.54 25.17
CA LYS A 83 6.83 15.73 24.36
C LYS A 83 5.63 15.75 23.42
N ILE A 84 5.28 16.95 22.96
CA ILE A 84 4.25 17.14 21.94
C ILE A 84 4.91 17.70 20.69
N TYR A 85 4.30 17.43 19.54
CA TYR A 85 4.84 17.89 18.25
C TYR A 85 3.67 18.39 17.41
N ILE A 86 3.66 19.68 17.18
CA ILE A 86 2.70 20.29 16.27
C ILE A 86 3.32 20.32 14.89
N HIS A 87 2.49 20.14 13.86
CA HIS A 87 3.01 20.20 12.50
C HIS A 87 3.59 21.59 12.26
N PRO A 88 4.79 21.68 11.69
CA PRO A 88 5.42 23.00 11.54
C PRO A 88 4.60 23.95 10.68
N ARG A 89 3.94 23.45 9.64
CA ARG A 89 3.16 24.28 8.73
C ARG A 89 1.68 24.35 9.11
N TYR A 90 1.34 23.92 10.34
CA TYR A 90 0.03 24.21 10.92
C TYR A 90 -0.32 25.67 10.76
N ASN A 91 -1.47 25.93 10.14
CA ASN A 91 -1.94 27.28 9.82
C ASN A 91 -3.23 27.56 10.57
N TRP A 92 -3.11 27.94 11.85
CA TRP A 92 -4.32 28.24 12.62
C TRP A 92 -4.98 29.54 12.18
N ARG A 93 -4.22 30.47 11.61
CA ARG A 93 -4.78 31.77 11.30
C ARG A 93 -5.83 31.68 10.19
N GLU A 94 -5.45 31.10 9.05
CA GLU A 94 -6.31 31.15 7.87
C GLU A 94 -7.38 30.08 7.84
N ASN A 95 -6.99 28.80 8.00
CA ASN A 95 -7.93 27.72 7.67
C ASN A 95 -7.71 26.44 8.47
N LEU A 96 -6.85 26.43 9.50
CA LEU A 96 -6.51 25.23 10.27
C LEU A 96 -5.89 24.16 9.38
N ASP A 97 -5.28 24.57 8.27
CA ASP A 97 -4.56 23.63 7.43
C ASP A 97 -3.53 22.86 8.26
N ARG A 98 -3.45 21.55 8.02
CA ARG A 98 -2.52 20.70 8.75
C ARG A 98 -2.80 20.71 10.25
N ASP A 99 -4.07 20.55 10.61
CA ASP A 99 -4.49 20.49 12.01
C ASP A 99 -4.13 19.10 12.55
N ILE A 100 -2.87 18.94 12.95
CA ILE A 100 -2.39 17.62 13.36
C ILE A 100 -1.27 17.79 14.39
N ALA A 101 -1.28 16.92 15.39
CA ALA A 101 -0.33 16.94 16.49
C ALA A 101 -0.09 15.53 16.99
N LEU A 102 1.16 15.25 17.33
CA LEU A 102 1.54 13.99 17.95
C LEU A 102 1.91 14.22 19.41
N MET A 103 1.55 13.26 20.26
CA MET A 103 1.88 13.28 21.68
C MET A 103 2.54 11.96 22.03
N LYS A 104 3.76 12.04 22.57
CA LYS A 104 4.51 10.88 23.03
C LYS A 104 4.24 10.64 24.50
N LEU A 105 3.75 9.44 24.84
CA LEU A 105 3.49 9.11 26.23
C LEU A 105 4.79 9.05 27.02
N LYS A 106 4.72 9.47 28.28
CA LYS A 106 5.90 9.38 29.15
C LYS A 106 6.36 7.93 29.28
N LYS A 107 5.45 7.03 29.65
CA LYS A 107 5.74 5.60 29.70
C LYS A 107 4.71 4.84 28.84
N PRO A 108 5.17 3.94 27.98
CA PRO A 108 4.25 3.17 27.11
C PRO A 108 3.10 2.53 27.89
N VAL A 109 1.94 2.44 27.22
CA VAL A 109 0.76 1.78 27.78
C VAL A 109 0.76 0.32 27.35
N ALA A 110 0.13 -0.50 28.18
CA ALA A 110 -0.01 -1.92 27.91
C ALA A 110 -1.29 -2.15 27.12
N PHE A 111 -1.17 -2.79 25.96
CA PHE A 111 -2.36 -3.13 25.20
C PHE A 111 -3.23 -4.07 26.03
N SER A 112 -4.49 -4.18 25.65
CA SER A 112 -5.42 -5.04 26.38
C SER A 112 -6.64 -5.26 25.50
N ASP A 113 -7.71 -5.79 26.10
CA ASP A 113 -8.98 -5.87 25.38
C ASP A 113 -9.59 -4.50 25.14
N TYR A 114 -9.19 -3.49 25.90
CA TYR A 114 -9.82 -2.19 25.87
C TYR A 114 -8.88 -1.11 25.37
N ILE A 115 -7.66 -1.48 25.01
CA ILE A 115 -6.61 -0.54 24.62
C ILE A 115 -5.83 -1.21 23.50
N HIS A 116 -5.99 -0.72 22.27
CA HIS A 116 -5.39 -1.31 21.08
C HIS A 116 -5.22 -0.20 20.04
N PRO A 117 -4.09 -0.15 19.35
CA PRO A 117 -3.87 0.94 18.37
C PRO A 117 -4.61 0.73 17.06
N VAL A 118 -5.04 1.86 16.48
CA VAL A 118 -5.62 1.90 15.16
C VAL A 118 -4.51 1.92 14.12
N CYS A 119 -4.84 1.56 12.88
CA CYS A 119 -3.89 1.65 11.78
C CYS A 119 -3.84 3.06 11.19
N LEU A 120 -2.62 3.50 10.82
CA LEU A 120 -2.46 4.63 9.92
C LEU A 120 -2.71 4.18 8.50
N PRO A 121 -3.46 4.96 7.70
CA PRO A 121 -3.75 4.54 6.33
C PRO A 121 -2.48 4.50 5.49
N ASP A 122 -2.31 3.40 4.78
CA ASP A 122 -1.27 3.29 3.76
C ASP A 122 -1.81 3.86 2.45
N ARG A 123 -0.94 3.88 1.42
CA ARG A 123 -1.31 4.45 0.14
C ARG A 123 -2.46 3.68 -0.51
N GLU A 124 -2.49 2.36 -0.38
CA GLU A 124 -3.54 1.58 -1.02
C GLU A 124 -4.89 1.83 -0.34
N THR A 125 -4.93 1.71 0.99
CA THR A 125 -6.17 1.98 1.73
C THR A 125 -6.65 3.39 1.48
N ALA A 126 -5.73 4.35 1.41
CA ALA A 126 -6.13 5.74 1.18
C ALA A 126 -6.81 5.89 -0.18
N ALA A 127 -6.28 5.25 -1.21
CA ALA A 127 -6.88 5.43 -2.53
C ALA A 127 -8.23 4.74 -2.64
N SER A 128 -8.38 3.53 -2.07
CA SER A 128 -9.64 2.81 -2.21
C SER A 128 -10.75 3.37 -1.32
N LEU A 129 -10.42 3.77 -0.10
CA LEU A 129 -11.48 4.10 0.86
C LEU A 129 -11.86 5.58 0.91
N LEU A 130 -10.90 6.51 0.80
CA LEU A 130 -11.19 7.93 0.98
CA LEU A 130 -11.18 7.93 0.97
C LEU A 130 -11.82 8.45 -0.31
N GLN A 131 -13.11 8.19 -0.46
CA GLN A 131 -13.86 8.58 -1.63
C GLN A 131 -15.27 8.98 -1.20
N ALA A 132 -15.85 9.91 -1.94
CA ALA A 132 -17.15 10.46 -1.58
C ALA A 132 -18.23 9.38 -1.69
N GLY A 133 -19.15 9.38 -0.73
CA GLY A 133 -20.19 8.39 -0.63
C GLY A 133 -19.85 7.24 0.30
N TYR A 134 -18.57 6.97 0.50
CA TYR A 134 -18.16 5.98 1.49
C TYR A 134 -18.28 6.56 2.89
N LYS A 135 -18.79 5.76 3.81
CA LYS A 135 -19.00 6.21 5.17
C LYS A 135 -17.81 5.85 6.04
N GLY A 136 -17.47 6.76 6.95
CA GLY A 136 -16.51 6.54 8.01
C GLY A 136 -17.21 6.69 9.35
N ARG A 137 -16.47 6.60 10.44
CA ARG A 137 -17.04 6.58 11.78
C ARG A 137 -16.28 7.55 12.66
N VAL A 138 -17.01 8.32 13.44
CA VAL A 138 -16.44 9.30 14.35
C VAL A 138 -16.91 8.99 15.77
N THR A 139 -16.01 9.13 16.73
CA THR A 139 -16.29 8.81 18.12
C THR A 139 -15.78 9.92 19.02
N GLY A 140 -16.51 10.18 20.09
CA GLY A 140 -15.98 11.09 21.10
C GLY A 140 -16.96 11.31 22.23
N TRP A 141 -16.50 12.11 23.20
CA TRP A 141 -17.27 12.47 24.38
C TRP A 141 -17.72 13.92 24.34
N GLY A 142 -17.63 14.57 23.18
CA GLY A 142 -18.08 15.94 23.03
C GLY A 142 -19.58 16.08 23.15
N ASN A 143 -20.04 17.31 22.97
CA ASN A 143 -21.42 17.65 23.22
C ASN A 143 -22.39 16.92 22.30
N LEU A 144 -23.60 16.68 22.80
CA LEU A 144 -24.61 15.97 22.03
C LEU A 144 -25.38 16.89 21.09
N LYS A 145 -25.42 18.20 21.37
CA LYS A 145 -26.00 19.18 20.48
C LYS A 145 -25.14 20.43 20.53
N GLU A 146 -25.47 21.39 19.66
CA GLU A 146 -24.63 22.57 19.51
C GLU A 146 -24.81 23.57 20.65
N GLY A 155 -25.81 18.33 28.53
CA GLY A 155 -25.69 17.72 27.22
C GLY A 155 -24.38 16.99 26.95
N GLN A 156 -23.77 16.45 28.01
CA GLN A 156 -22.51 15.72 27.92
C GLN A 156 -22.77 14.23 28.15
N PRO A 157 -22.27 13.35 27.29
CA PRO A 157 -22.60 11.93 27.44
C PRO A 157 -21.75 11.24 28.51
N SER A 158 -22.34 10.22 29.11
CA SER A 158 -21.60 9.33 30.01
C SER A 158 -20.69 8.40 29.23
N VAL A 159 -21.28 7.63 28.32
CA VAL A 159 -20.60 6.61 27.51
C VAL A 159 -20.17 7.21 26.18
N LEU A 160 -19.04 6.74 25.67
CA LEU A 160 -18.52 7.18 24.37
C LEU A 160 -19.61 7.11 23.29
N GLN A 161 -19.68 8.16 22.48
CA GLN A 161 -20.68 8.25 21.43
C GLN A 161 -20.05 7.93 20.07
N VAL A 162 -20.86 7.35 19.18
CA VAL A 162 -20.41 6.92 17.87
C VAL A 162 -21.44 7.29 16.81
N VAL A 163 -20.95 7.76 15.66
CA VAL A 163 -21.79 8.05 14.51
C VAL A 163 -21.04 7.68 13.23
N ASN A 164 -21.76 7.15 12.26
CA ASN A 164 -21.23 6.88 10.93
C ASN A 164 -21.71 7.96 9.96
N LEU A 165 -20.79 8.48 9.15
CA LEU A 165 -21.04 9.63 8.28
C LEU A 165 -20.34 9.45 6.92
N PRO A 166 -21.00 9.81 5.83
CA PRO A 166 -20.37 9.65 4.52
C PRO A 166 -19.41 10.78 4.24
N ILE A 167 -18.37 10.45 3.47
CA ILE A 167 -17.46 11.44 2.92
C ILE A 167 -18.15 12.20 1.79
N VAL A 168 -17.92 13.51 1.73
CA VAL A 168 -18.58 14.39 0.78
C VAL A 168 -17.62 14.79 -0.32
N GLU A 169 -18.16 14.99 -1.53
CA GLU A 169 -17.39 15.47 -2.68
C GLU A 169 -16.68 16.77 -2.35
N ARG A 170 -15.45 16.90 -2.88
CA ARG A 170 -14.66 18.09 -2.59
C ARG A 170 -15.33 19.38 -3.07
N PRO A 171 -15.91 19.45 -4.28
CA PRO A 171 -16.65 20.66 -4.65
C PRO A 171 -17.77 21.02 -3.69
N VAL A 172 -18.44 20.03 -3.08
CA VAL A 172 -19.55 20.34 -2.18
C VAL A 172 -19.01 20.90 -0.86
N CYS A 173 -17.87 20.37 -0.41
CA CYS A 173 -17.23 20.90 0.80
C CYS A 173 -16.85 22.37 0.61
N LYS A 174 -16.25 22.68 -0.56
CA LYS A 174 -15.79 24.03 -0.83
C LYS A 174 -16.96 25.02 -0.81
N ASP A 175 -18.04 24.67 -1.51
CA ASP A 175 -19.20 25.55 -1.58
C ASP A 175 -19.97 25.66 -0.27
N SER A 176 -19.66 24.86 0.76
CA SER A 176 -20.37 25.01 2.02
C SER A 176 -19.76 26.07 2.93
N THR A 177 -18.63 26.64 2.56
CA THR A 177 -17.93 27.52 3.47
C THR A 177 -17.10 28.52 2.68
N ARG A 178 -16.80 29.63 3.35
CA ARG A 178 -15.92 30.63 2.79
C ARG A 178 -14.46 30.34 3.09
N ILE A 179 -14.19 29.53 4.12
CA ILE A 179 -12.84 29.13 4.47
C ILE A 179 -12.14 28.50 3.27
N ARG A 180 -10.87 28.83 3.09
CA ARG A 180 -10.09 28.28 1.99
C ARG A 180 -9.66 26.87 2.35
N ILE A 181 -10.34 25.88 1.78
CA ILE A 181 -10.10 24.46 2.07
CA ILE A 181 -10.04 24.49 2.15
C ILE A 181 -8.85 23.99 1.33
N THR A 182 -8.14 23.02 1.89
CA THR A 182 -6.96 22.47 1.23
C THR A 182 -7.10 20.95 1.00
N ASP A 183 -6.13 20.41 0.25
CA ASP A 183 -6.01 18.98 0.05
C ASP A 183 -5.54 18.25 1.30
N ASN A 184 -5.28 18.95 2.40
CA ASN A 184 -4.93 18.31 3.66
C ASN A 184 -6.14 18.18 4.55
N MET A 185 -7.32 18.45 4.02
CA MET A 185 -8.56 18.22 4.73
C MET A 185 -9.57 17.57 3.79
N PHE A 186 -10.54 16.91 4.40
CA PHE A 186 -11.73 16.46 3.69
C PHE A 186 -12.92 16.76 4.58
N CYS A 187 -14.12 16.70 4.02
CA CYS A 187 -15.30 16.95 4.82
C CYS A 187 -16.27 15.78 4.69
N ALA A 188 -17.12 15.62 5.73
CA ALA A 188 -18.03 14.48 5.76
C ALA A 188 -19.31 14.88 6.47
N GLY A 189 -20.36 14.14 6.23
CA GLY A 189 -21.64 14.35 6.90
C GLY A 189 -22.74 14.27 5.88
N TYR A 190 -23.96 14.13 6.37
CA TYR A 190 -25.08 13.97 5.46
C TYR A 190 -25.45 15.31 4.83
N LYS A 191 -26.07 15.24 3.67
CA LYS A 191 -26.61 16.39 2.99
C LYS A 191 -28.07 16.58 3.39
N PRO A 192 -28.61 17.80 3.26
CA PRO A 192 -29.98 18.04 3.77
C PRO A 192 -31.03 17.14 3.16
N ASP A 193 -30.86 16.70 1.91
CA ASP A 193 -31.84 15.86 1.23
C ASP A 193 -31.55 14.36 1.36
N GLU A 194 -30.73 13.94 2.32
CA GLU A 194 -30.50 12.52 2.55
C GLU A 194 -31.13 12.03 3.85
N GLY A 195 -31.82 12.91 4.58
CA GLY A 195 -32.72 12.48 5.66
C GLY A 195 -32.06 11.66 6.74
N LYS A 196 -30.79 11.92 7.01
CA LYS A 196 -30.11 11.41 8.19
C LYS A 196 -29.18 12.53 8.65
N ARG A 197 -28.88 12.55 9.94
CA ARG A 197 -28.10 13.64 10.53
C ARG A 197 -26.86 13.04 11.21
N GLY A 198 -26.08 13.91 11.81
CA GLY A 198 -24.88 13.47 12.53
C GLY A 198 -23.70 14.33 12.24
N ASP A 199 -22.87 14.54 13.24
CA ASP A 199 -21.65 15.37 13.12
C ASP A 199 -20.86 15.31 14.41
N ALA A 200 -19.63 15.79 14.36
CA ALA A 200 -18.83 15.98 15.60
C ALA A 200 -19.12 17.38 16.17
N CYS A 201 -19.06 17.52 17.50
CA CYS A 201 -19.33 18.80 18.15
C CYS A 201 -18.12 19.14 19.02
N GLU A 202 -18.13 20.31 19.64
N GLU A 202 -18.20 20.28 19.69
CA GLU A 202 -16.95 20.67 20.42
CA GLU A 202 -17.14 20.71 20.61
C GLU A 202 -16.81 19.69 21.59
C GLU A 202 -16.85 19.61 21.64
N GLY A 203 -15.57 19.38 21.91
CA GLY A 203 -15.23 18.26 22.76
C GLY A 203 -14.68 17.11 21.93
N ASP A 204 -15.26 16.89 20.74
CA ASP A 204 -14.87 15.80 19.88
C ASP A 204 -13.62 16.10 19.04
N SER A 205 -13.20 17.37 18.97
CA SER A 205 -11.99 17.73 18.24
C SER A 205 -10.82 16.82 18.61
N GLY A 206 -10.02 16.48 17.61
CA GLY A 206 -8.85 15.65 17.81
C GLY A 206 -9.11 14.16 17.83
N GLY A 207 -10.36 13.73 18.03
CA GLY A 207 -10.73 12.34 17.89
C GLY A 207 -10.60 11.82 16.46
N PRO A 208 -10.73 10.50 16.28
CA PRO A 208 -10.47 9.90 14.97
C PRO A 208 -11.70 9.74 14.09
N PHE A 209 -11.44 9.76 12.79
CA PHE A 209 -12.39 9.35 11.75
C PHE A 209 -11.84 8.06 11.14
N VAL A 210 -12.52 6.94 11.38
CA VAL A 210 -12.00 5.63 11.03
C VAL A 210 -12.86 5.01 9.95
N MET A 211 -12.25 4.15 9.16
CA MET A 211 -12.97 3.36 8.17
C MET A 211 -12.46 1.94 8.28
N LYS A 212 -13.35 0.97 8.12
CA LYS A 212 -12.95 -0.43 8.19
C LYS A 212 -12.68 -0.92 6.77
N SER A 213 -11.47 -1.40 6.53
CA SER A 213 -11.09 -1.87 5.20
C SER A 213 -11.83 -3.16 4.85
N PRO A 214 -12.57 -3.22 3.73
CA PRO A 214 -13.12 -4.50 3.29
C PRO A 214 -12.07 -5.45 2.76
N PHE A 215 -10.86 -4.95 2.51
CA PHE A 215 -9.80 -5.78 1.96
C PHE A 215 -9.25 -6.73 3.02
N ASN A 216 -8.95 -6.20 4.22
CA ASN A 216 -8.29 -6.99 5.25
C ASN A 216 -8.94 -6.87 6.62
N ASN A 217 -10.09 -6.21 6.73
CA ASN A 217 -10.88 -6.11 7.96
C ASN A 217 -10.25 -5.28 9.07
N ARG A 218 -9.15 -4.57 8.82
CA ARG A 218 -8.60 -3.66 9.81
C ARG A 218 -9.28 -2.30 9.73
N TRP A 219 -9.27 -1.60 10.88
CA TRP A 219 -9.71 -0.21 10.97
C TRP A 219 -8.54 0.73 10.75
N TYR A 220 -8.73 1.70 9.86
CA TYR A 220 -7.73 2.74 9.61
C TYR A 220 -8.28 4.11 9.97
N GLN A 221 -7.41 4.97 10.49
CA GLN A 221 -7.81 6.33 10.82
C GLN A 221 -7.51 7.23 9.62
N MET A 222 -8.54 7.63 8.89
CA MET A 222 -8.35 8.51 7.74
C MET A 222 -8.41 9.97 8.10
N GLY A 223 -9.01 10.32 9.22
CA GLY A 223 -9.24 11.72 9.54
C GLY A 223 -9.08 11.99 11.02
N ILE A 224 -8.85 13.26 11.32
CA ILE A 224 -8.89 13.80 12.68
C ILE A 224 -9.99 14.86 12.70
N VAL A 225 -10.87 14.77 13.70
CA VAL A 225 -11.90 15.81 13.86
C VAL A 225 -11.22 17.16 13.98
N SER A 226 -11.46 18.06 13.03
CA SER A 226 -10.72 19.32 12.95
C SER A 226 -11.63 20.54 13.14
N TRP A 227 -12.52 20.85 12.19
CA TRP A 227 -13.34 22.04 12.36
C TRP A 227 -14.71 21.88 11.70
N GLY A 228 -15.61 22.79 12.05
CA GLY A 228 -16.92 22.89 11.41
C GLY A 228 -17.62 24.16 11.85
N GLU A 229 -18.69 24.49 11.13
CA GLU A 229 -19.49 25.69 11.45
C GLU A 229 -20.64 25.27 12.38
N GLY A 230 -20.39 25.28 13.69
CA GLY A 230 -21.37 24.75 14.61
C GLY A 230 -21.35 23.23 14.60
N CYS A 231 -22.50 22.62 14.87
CA CYS A 231 -22.58 21.16 14.82
C CYS A 231 -23.90 20.74 14.21
N ASP A 232 -23.83 19.83 13.24
CA ASP A 232 -25.02 19.22 12.64
C ASP A 232 -25.96 20.25 12.03
N ARG A 233 -25.40 21.28 11.40
CA ARG A 233 -26.21 22.26 10.67
C ARG A 233 -26.45 21.81 9.24
N ASP A 234 -27.70 21.93 8.79
CA ASP A 234 -28.04 21.67 7.40
C ASP A 234 -27.14 22.43 6.44
N GLY A 235 -26.62 21.72 5.44
CA GLY A 235 -25.72 22.31 4.45
C GLY A 235 -24.31 22.58 4.94
N LYS A 236 -24.01 22.27 6.20
CA LYS A 236 -22.66 22.32 6.74
C LYS A 236 -22.12 20.90 6.93
N TYR A 237 -20.80 20.78 6.94
CA TYR A 237 -20.11 19.49 6.97
C TYR A 237 -18.95 19.54 7.95
N GLY A 238 -18.69 18.43 8.62
CA GLY A 238 -17.51 18.33 9.45
C GLY A 238 -16.27 18.26 8.58
N PHE A 239 -15.22 18.97 8.99
CA PHE A 239 -13.96 18.94 8.26
C PHE A 239 -12.93 18.17 9.07
N TYR A 240 -12.12 17.39 8.36
CA TYR A 240 -11.29 16.37 8.97
C TYR A 240 -9.89 16.46 8.40
N THR A 241 -8.89 16.42 9.27
CA THR A 241 -7.51 16.43 8.81
C THR A 241 -7.22 15.14 8.03
N HIS A 242 -6.67 15.29 6.84
CA HIS A 242 -6.42 14.18 5.92
C HIS A 242 -5.15 13.47 6.39
N VAL A 243 -5.33 12.40 7.16
CA VAL A 243 -4.22 11.81 7.89
C VAL A 243 -3.17 11.24 6.94
N PHE A 244 -3.61 10.54 5.89
CA PHE A 244 -2.65 9.96 4.95
C PHE A 244 -1.76 11.03 4.31
N ARG A 245 -2.33 12.19 3.95
CA ARG A 245 -1.57 13.29 3.36
CA ARG A 245 -1.51 13.21 3.32
C ARG A 245 -0.42 13.74 4.25
N LEU A 246 -0.58 13.61 5.57
CA LEU A 246 0.45 14.04 6.52
C LEU A 246 1.18 12.87 7.16
N LYS A 247 1.13 11.70 6.52
CA LYS A 247 1.73 10.50 7.10
CA LYS A 247 1.73 10.50 7.10
C LYS A 247 3.25 10.60 7.17
N LYS A 248 3.87 11.22 6.17
CA LYS A 248 5.32 11.32 6.17
C LYS A 248 5.81 12.21 7.32
N TRP A 249 5.06 13.27 7.62
CA TRP A 249 5.40 14.05 8.81
C TRP A 249 5.21 13.21 10.07
N ILE A 250 4.12 12.44 10.15
CA ILE A 250 3.94 11.53 11.28
C ILE A 250 5.12 10.58 11.39
N GLN A 251 5.55 10.03 10.26
CA GLN A 251 6.61 9.03 10.31
C GLN A 251 7.96 9.66 10.60
N LYS A 252 8.22 10.85 10.05
CA LYS A 252 9.48 11.53 10.35
C LYS A 252 9.60 11.84 11.84
N VAL A 253 8.48 12.20 12.49
CA VAL A 253 8.53 12.51 13.91
C VAL A 253 8.79 11.25 14.72
N ILE A 254 8.08 10.16 14.43
CA ILE A 254 8.18 8.98 15.26
C ILE A 254 9.56 8.34 15.15
N ASP A 255 10.11 8.27 13.93
CA ASP A 255 11.45 7.73 13.77
C ASP A 255 12.48 8.61 14.47
N GLN A 256 12.37 9.93 14.30
CA GLN A 256 13.30 10.88 14.90
C GLN A 256 13.37 10.71 16.41
N PHE A 257 12.21 10.68 17.07
CA PHE A 257 12.16 10.70 18.52
C PHE A 257 11.54 9.43 19.09
N GLU B 6 18.88 -1.41 -27.70
CA GLU B 6 18.00 -1.26 -28.87
C GLU B 6 17.34 0.13 -28.88
N ALA B 7 17.48 0.84 -30.00
CA ALA B 7 16.93 2.19 -30.13
C ALA B 7 15.45 2.24 -29.78
N ASP B 8 14.71 1.20 -30.11
CA ASP B 8 13.26 1.18 -29.96
C ASP B 8 12.77 0.39 -28.74
N CYS B 9 13.69 -0.06 -27.89
CA CYS B 9 13.28 -0.91 -26.77
C CYS B 9 12.23 -0.23 -25.90
N GLY B 10 11.38 -1.05 -25.30
CA GLY B 10 10.49 -0.60 -24.24
C GLY B 10 9.30 0.23 -24.68
N LEU B 11 9.11 0.47 -25.97
CA LEU B 11 7.92 1.15 -26.48
C LEU B 11 7.02 0.12 -27.16
N ARG B 12 5.83 -0.09 -26.61
CA ARG B 12 4.99 -1.19 -27.04
C ARG B 12 4.18 -0.80 -28.28
N PRO B 13 4.25 -1.60 -29.37
CA PRO B 13 3.46 -1.28 -30.57
C PRO B 13 2.00 -1.01 -30.29
N LEU B 14 1.37 -1.75 -29.40
CA LEU B 14 -0.06 -1.56 -29.16
C LEU B 14 -0.37 -0.55 -28.06
N PHE B 15 0.65 0.11 -27.49
CA PHE B 15 0.33 1.03 -26.41
C PHE B 15 1.06 2.34 -26.62
N GLU B 16 2.31 2.47 -26.15
CA GLU B 16 3.01 3.75 -26.28
C GLU B 16 2.99 4.25 -27.72
N LYS B 17 3.09 3.33 -28.69
CA LYS B 17 3.24 3.73 -30.09
C LYS B 17 1.93 4.16 -30.72
N LYS B 18 0.80 3.78 -30.13
CA LYS B 18 -0.49 4.31 -30.54
C LYS B 18 -1.03 5.30 -29.50
N SER B 19 -0.15 5.86 -28.66
CA SER B 19 -0.52 6.79 -27.57
C SER B 19 -1.70 6.28 -26.76
N LEU B 20 -1.73 4.97 -26.55
CA LEU B 20 -2.70 4.32 -25.68
C LEU B 20 -2.01 3.90 -24.39
N GLU B 21 -2.77 3.94 -23.31
CA GLU B 21 -2.29 3.67 -21.97
C GLU B 21 -2.93 2.37 -21.50
N ASP B 22 -2.16 1.50 -20.84
CA ASP B 22 -2.84 0.28 -20.41
C ASP B 22 -3.58 0.55 -19.11
N LYS B 23 -4.35 -0.44 -18.67
CA LYS B 23 -5.33 -0.24 -17.61
C LYS B 23 -4.72 0.08 -16.24
N THR B 24 -3.45 -0.21 -16.00
CA THR B 24 -2.91 0.02 -14.66
C THR B 24 -1.56 0.72 -14.61
N GLU B 25 -0.98 1.09 -15.75
CA GLU B 25 0.29 1.80 -15.71
C GLU B 25 0.19 3.09 -14.89
N ARG B 26 -1.00 3.70 -14.83
CA ARG B 26 -1.22 4.87 -13.99
C ARG B 26 -0.89 4.59 -12.52
N GLU B 27 -1.22 3.38 -12.04
CA GLU B 27 -0.82 3.01 -10.68
C GLU B 27 0.69 3.09 -10.51
N LEU B 28 1.45 2.68 -11.53
CA LEU B 28 2.90 2.78 -11.43
C LEU B 28 3.37 4.23 -11.40
N LEU B 29 2.81 5.07 -12.28
CA LEU B 29 3.21 6.47 -12.32
C LEU B 29 2.86 7.18 -11.01
N GLU B 30 1.69 6.86 -10.45
CA GLU B 30 1.30 7.43 -9.17
C GLU B 30 2.22 7.02 -8.03
N SER B 31 2.79 5.80 -8.09
CA SER B 31 3.67 5.40 -7.00
C SER B 31 4.94 6.25 -6.92
N TYR B 32 5.25 7.05 -7.95
CA TYR B 32 6.41 7.92 -7.88
C TYR B 32 6.13 9.19 -7.07
N ILE B 33 4.86 9.49 -6.79
CA ILE B 33 4.42 10.74 -6.19
C ILE B 33 3.79 10.46 -4.83
N ASP B 34 2.62 9.81 -4.84
CA ASP B 34 1.94 9.37 -3.63
C ASP B 34 2.84 8.47 -2.79
N GLY B 35 3.22 8.92 -1.60
CA GLY B 35 3.93 8.07 -0.67
C GLY B 35 3.09 6.87 -0.22
N ILE C 1 1.17 -16.01 -10.83
CA ILE C 1 0.86 -14.72 -10.21
C ILE C 1 -0.33 -14.84 -9.29
N VAL C 2 -0.15 -14.43 -8.04
CA VAL C 2 -1.20 -14.47 -7.03
C VAL C 2 -1.82 -13.08 -6.92
N GLU C 3 -3.16 -13.02 -6.95
CA GLU C 3 -3.93 -11.79 -6.82
C GLU C 3 -3.64 -10.79 -7.93
N GLY C 4 -3.36 -11.30 -9.12
CA GLY C 4 -3.13 -10.47 -10.27
C GLY C 4 -4.37 -10.35 -11.12
N SER C 5 -4.19 -9.88 -12.35
N SER C 5 -4.18 -9.90 -12.36
CA SER C 5 -5.30 -9.72 -13.26
CA SER C 5 -5.29 -9.70 -13.26
C SER C 5 -4.88 -10.16 -14.64
C SER C 5 -4.87 -10.11 -14.66
N ASP C 6 -5.88 -10.46 -15.47
CA ASP C 6 -5.65 -10.75 -16.89
C ASP C 6 -5.00 -9.56 -17.57
N ALA C 7 -3.93 -9.83 -18.33
CA ALA C 7 -3.29 -8.80 -19.11
C ALA C 7 -4.11 -8.46 -20.34
N GLU C 8 -3.98 -7.21 -20.78
CA GLU C 8 -4.43 -6.83 -22.11
C GLU C 8 -3.49 -7.41 -23.17
N ILE C 9 -4.05 -7.69 -24.35
CA ILE C 9 -3.24 -8.20 -25.45
C ILE C 9 -2.16 -7.18 -25.79
N GLY C 10 -0.91 -7.65 -25.90
CA GLY C 10 0.17 -6.77 -26.28
C GLY C 10 0.74 -5.94 -25.15
N MET C 11 0.21 -6.08 -23.94
CA MET C 11 0.64 -5.31 -22.79
C MET C 11 2.06 -5.64 -22.36
N SER C 12 2.55 -6.85 -22.68
CA SER C 12 3.89 -7.29 -22.27
C SER C 12 4.53 -8.05 -23.43
N PRO C 13 4.84 -7.34 -24.52
CA PRO C 13 5.30 -8.01 -25.74
C PRO C 13 6.72 -8.56 -25.64
N TRP C 14 7.43 -8.30 -24.54
CA TRP C 14 8.73 -8.90 -24.28
C TRP C 14 8.63 -10.19 -23.46
N GLN C 15 7.42 -10.58 -23.03
CA GLN C 15 7.21 -11.84 -22.34
C GLN C 15 7.73 -13.03 -23.15
N VAL C 16 8.35 -13.98 -22.45
CA VAL C 16 8.83 -15.21 -23.06
C VAL C 16 8.49 -16.38 -22.16
N MET C 17 8.09 -17.51 -22.77
CA MET C 17 7.82 -18.74 -22.04
C MET C 17 8.95 -19.71 -22.31
N LEU C 18 9.56 -20.24 -21.26
CA LEU C 18 10.60 -21.24 -21.35
C LEU C 18 9.98 -22.62 -21.10
N PHE C 19 10.10 -23.51 -22.07
CA PHE C 19 9.53 -24.84 -22.02
C PHE C 19 10.63 -25.90 -22.00
N ARG C 20 10.40 -26.95 -21.22
CA ARG C 20 11.14 -28.18 -21.44
C ARG C 20 10.66 -28.85 -22.74
N LYS C 21 11.62 -29.29 -23.56
CA LYS C 21 11.25 -29.99 -24.79
C LYS C 21 10.41 -31.23 -24.50
N SER C 22 10.94 -32.14 -23.68
CA SER C 22 10.29 -33.44 -23.52
C SER C 22 10.51 -34.00 -22.12
N PRO C 23 9.43 -34.26 -21.36
CA PRO C 23 8.04 -33.98 -21.75
C PRO C 23 7.74 -32.49 -21.76
N GLN C 24 6.83 -32.09 -22.65
CA GLN C 24 6.51 -30.68 -22.82
C GLN C 24 5.98 -30.10 -21.50
N GLU C 25 6.67 -29.08 -21.00
CA GLU C 25 6.36 -28.55 -19.68
C GLU C 25 6.80 -27.10 -19.60
N LEU C 26 5.90 -26.23 -19.12
CA LEU C 26 6.24 -24.83 -18.92
C LEU C 26 7.08 -24.73 -17.66
N LEU C 27 8.35 -24.35 -17.81
CA LEU C 27 9.28 -24.26 -16.71
C LEU C 27 9.25 -22.89 -16.02
N CYS C 28 9.22 -21.80 -16.78
CA CYS C 28 9.63 -20.52 -16.22
C CYS C 28 9.18 -19.40 -17.14
N GLY C 29 9.19 -18.18 -16.58
CA GLY C 29 9.12 -16.98 -17.38
C GLY C 29 10.49 -16.56 -17.88
N ALA C 30 10.50 -15.51 -18.70
CA ALA C 30 11.70 -15.01 -19.35
C ALA C 30 11.32 -13.73 -20.10
N SER C 31 12.30 -13.08 -20.72
CA SER C 31 12.01 -11.81 -21.38
C SER C 31 12.93 -11.64 -22.56
N LEU C 32 12.46 -10.88 -23.52
CA LEU C 32 13.14 -10.65 -24.77
C LEU C 32 13.83 -9.29 -24.69
N ILE C 33 15.16 -9.28 -24.84
CA ILE C 33 15.92 -8.04 -24.73
C ILE C 33 16.60 -7.64 -26.04
N SER C 34 16.52 -8.46 -27.07
CA SER C 34 16.88 -8.08 -28.44
C SER C 34 16.20 -9.09 -29.38
N ASP C 35 16.55 -9.05 -30.67
CA ASP C 35 15.96 -10.02 -31.59
C ASP C 35 16.56 -11.40 -31.42
N ARG C 36 17.62 -11.52 -30.62
CA ARG C 36 18.37 -12.75 -30.47
C ARG C 36 18.53 -13.23 -29.02
N TRP C 37 18.33 -12.37 -28.03
CA TRP C 37 18.72 -12.67 -26.66
C TRP C 37 17.52 -12.62 -25.72
N VAL C 38 17.44 -13.62 -24.84
CA VAL C 38 16.36 -13.77 -23.89
C VAL C 38 16.98 -13.85 -22.49
N LEU C 39 16.42 -13.10 -21.56
CA LEU C 39 16.89 -13.08 -20.18
C LEU C 39 15.99 -13.95 -19.31
N THR C 40 16.59 -14.69 -18.38
CA THR C 40 15.79 -15.51 -17.46
C THR C 40 16.57 -15.69 -16.17
N ALA C 41 16.04 -16.50 -15.26
CA ALA C 41 16.76 -16.79 -14.03
C ALA C 41 17.64 -18.02 -14.22
N ALA C 42 18.83 -17.99 -13.60
CA ALA C 42 19.74 -19.12 -13.65
C ALA C 42 19.09 -20.39 -13.11
N HIS C 43 18.35 -20.27 -12.00
CA HIS C 43 17.79 -21.45 -11.35
C HIS C 43 16.73 -22.12 -12.23
N CYS C 44 16.21 -21.42 -13.24
CA CYS C 44 15.32 -22.06 -14.21
C CYS C 44 16.06 -23.14 -15.00
N LEU C 45 17.37 -23.00 -15.14
CA LEU C 45 18.23 -23.87 -15.93
C LEU C 45 19.06 -24.82 -15.06
N LEU C 46 19.55 -24.35 -13.93
CA LEU C 46 20.55 -25.08 -13.15
C LEU C 46 20.13 -25.00 -11.69
N TYR C 47 19.75 -26.14 -11.12
CA TYR C 47 19.46 -26.22 -9.69
C TYR C 47 19.76 -27.65 -9.23
N PRO C 48 21.00 -27.92 -8.85
CA PRO C 48 21.43 -29.27 -8.52
C PRO C 48 20.59 -29.93 -7.43
N PRO C 49 20.13 -29.19 -6.39
CA PRO C 49 19.28 -29.86 -5.38
C PRO C 49 18.03 -30.49 -5.95
N TRP C 50 17.53 -30.04 -7.09
CA TRP C 50 16.40 -30.68 -7.74
C TRP C 50 16.83 -31.50 -8.95
N ASP C 51 18.12 -31.83 -9.04
CA ASP C 51 18.69 -32.56 -10.18
C ASP C 51 18.29 -31.94 -11.52
N LYS C 52 18.21 -30.61 -11.52
CA LYS C 52 17.86 -29.84 -12.69
C LYS C 52 19.12 -29.27 -13.29
N ASN C 53 19.36 -29.57 -14.57
CA ASN C 53 20.50 -29.00 -15.26
C ASN C 53 20.28 -29.11 -16.77
N PHE C 54 19.58 -28.12 -17.33
CA PHE C 54 19.20 -28.07 -18.73
C PHE C 54 20.24 -27.37 -19.59
N THR C 55 20.44 -27.87 -20.81
CA THR C 55 21.20 -27.20 -21.86
C THR C 55 20.28 -26.77 -23.01
N GLU C 56 20.88 -26.15 -24.02
CA GLU C 56 20.16 -25.70 -25.21
C GLU C 56 19.27 -26.78 -25.77
N ASN C 57 19.76 -28.02 -25.79
CA ASN C 57 19.04 -29.11 -26.43
C ASN C 57 17.77 -29.49 -25.71
N ASP C 58 17.64 -29.17 -24.43
CA ASP C 58 16.46 -29.61 -23.67
C ASP C 58 15.31 -28.62 -23.70
N LEU C 59 15.49 -27.44 -24.30
CA LEU C 59 14.57 -26.33 -24.09
C LEU C 59 14.05 -25.76 -25.41
N LEU C 60 12.95 -25.02 -25.29
CA LEU C 60 12.47 -24.12 -26.34
C LEU C 60 11.75 -22.95 -25.68
N VAL C 61 11.52 -21.89 -26.45
CA VAL C 61 10.76 -20.76 -25.95
C VAL C 61 9.61 -20.42 -26.90
N ARG C 62 8.53 -19.92 -26.31
CA ARG C 62 7.42 -19.33 -27.05
C ARG C 62 7.31 -17.86 -26.72
N ILE C 63 7.10 -17.06 -27.76
CA ILE C 63 7.13 -15.60 -27.69
C ILE C 63 5.86 -15.06 -28.32
N GLY C 64 5.33 -13.98 -27.75
CA GLY C 64 4.22 -13.25 -28.29
C GLY C 64 2.87 -13.76 -27.86
N LYS C 65 2.83 -14.79 -27.02
CA LYS C 65 1.57 -15.37 -26.62
C LYS C 65 0.77 -14.46 -25.71
N HIS C 66 -0.55 -14.62 -25.77
CA HIS C 66 -1.47 -14.00 -24.85
C HIS C 66 -2.19 -15.03 -23.99
N SER C 67 -2.67 -16.10 -24.64
CA SER C 67 -3.38 -17.20 -23.93
C SER C 67 -2.77 -18.55 -24.32
N ARG C 68 -2.92 -19.42 -23.28
N ARG C 68 -2.94 -19.40 -23.27
N ARG C 68 -2.90 -19.52 -23.40
CA ARG C 68 -2.48 -20.79 -23.53
CA ARG C 68 -2.51 -20.78 -23.43
CA ARG C 68 -2.36 -20.89 -23.63
C ARG C 68 -3.61 -21.71 -23.97
C ARG C 68 -3.61 -21.72 -23.90
C ARG C 68 -3.52 -21.85 -23.94
N THR C 69 -4.73 -21.29 -24.08
CA THR C 69 -5.90 -22.16 -24.39
C THR C 69 -5.83 -22.62 -25.85
N ARG C 70 -5.26 -21.80 -26.72
CA ARG C 70 -5.13 -22.14 -28.12
C ARG C 70 -3.73 -21.78 -28.60
N TYR C 71 -3.31 -22.41 -29.69
CA TYR C 71 -2.20 -21.89 -30.47
C TYR C 71 -2.67 -20.63 -31.18
N GLU C 72 -1.82 -19.60 -31.20
CA GLU C 72 -2.26 -18.24 -31.53
C GLU C 72 -1.67 -17.88 -32.89
N ARG C 73 -2.38 -18.31 -33.93
CA ARG C 73 -1.98 -18.12 -35.32
C ARG C 73 -1.60 -16.66 -35.62
N ASN C 74 -0.47 -16.48 -36.33
CA ASN C 74 0.06 -15.20 -36.79
C ASN C 74 0.48 -14.28 -35.64
N ILE C 75 0.42 -14.76 -34.40
CA ILE C 75 0.80 -13.99 -33.22
C ILE C 75 2.06 -14.58 -32.59
N GLU C 76 1.97 -15.83 -32.14
CA GLU C 76 3.02 -16.46 -31.36
C GLU C 76 4.10 -17.08 -32.24
N LYS C 77 5.32 -17.08 -31.71
CA LYS C 77 6.48 -17.66 -32.36
C LYS C 77 7.16 -18.64 -31.41
N ILE C 78 7.76 -19.68 -31.98
CA ILE C 78 8.44 -20.71 -31.20
C ILE C 78 9.88 -20.78 -31.70
N SER C 79 10.82 -20.86 -30.78
CA SER C 79 12.21 -20.88 -31.20
C SER C 79 13.02 -21.87 -30.39
N MET C 80 14.05 -22.40 -31.03
N MET C 80 14.06 -22.40 -31.04
CA MET C 80 15.06 -23.19 -30.36
CA MET C 80 15.08 -23.19 -30.37
C MET C 80 16.15 -22.27 -29.81
C MET C 80 16.15 -22.26 -29.81
N LEU C 81 16.93 -22.81 -28.87
CA LEU C 81 18.03 -22.10 -28.24
C LEU C 81 19.37 -22.54 -28.85
N GLU C 82 20.17 -21.55 -29.28
CA GLU C 82 21.53 -21.81 -29.74
C GLU C 82 22.48 -22.11 -28.58
N LYS C 83 22.46 -21.29 -27.53
CA LYS C 83 23.33 -21.49 -26.38
C LYS C 83 22.70 -20.88 -25.13
N ILE C 84 23.08 -21.47 -23.99
CA ILE C 84 22.71 -21.07 -22.64
C ILE C 84 23.93 -20.44 -21.98
N TYR C 85 23.72 -19.37 -21.22
CA TYR C 85 24.80 -18.74 -20.47
C TYR C 85 24.33 -18.43 -19.05
N ILE C 86 24.91 -19.13 -18.10
CA ILE C 86 24.61 -18.95 -16.69
C ILE C 86 25.72 -18.12 -16.05
N HIS C 87 25.36 -17.25 -15.13
CA HIS C 87 26.37 -16.41 -14.50
C HIS C 87 27.38 -17.29 -13.77
N PRO C 88 28.69 -17.13 -14.01
CA PRO C 88 29.68 -18.04 -13.39
C PRO C 88 29.70 -17.98 -11.88
N ARG C 89 29.24 -16.92 -11.26
CA ARG C 89 29.20 -16.88 -9.81
C ARG C 89 27.79 -17.01 -9.28
N TYR C 90 26.94 -17.70 -10.04
CA TYR C 90 25.61 -18.08 -9.57
C TYR C 90 25.74 -18.96 -8.34
N ASN C 91 25.07 -18.59 -7.26
CA ASN C 91 25.27 -19.21 -5.96
C ASN C 91 23.99 -19.92 -5.55
N TRP C 92 23.81 -21.14 -6.04
CA TRP C 92 22.59 -21.87 -5.72
C TRP C 92 22.60 -22.47 -4.32
N ARG C 93 23.77 -22.82 -3.78
CA ARG C 93 23.85 -23.49 -2.47
C ARG C 93 23.24 -22.64 -1.37
N GLU C 94 23.58 -21.36 -1.33
CA GLU C 94 23.31 -20.53 -0.17
C GLU C 94 22.06 -19.67 -0.32
N ASN C 95 21.95 -18.92 -1.43
CA ASN C 95 20.92 -17.87 -1.45
C ASN C 95 20.47 -17.45 -2.85
N LEU C 96 20.79 -18.20 -3.90
CA LEU C 96 20.42 -17.82 -5.27
C LEU C 96 21.05 -16.51 -5.70
N ASP C 97 22.22 -16.18 -5.13
CA ASP C 97 22.87 -14.93 -5.49
C ASP C 97 23.27 -14.93 -6.97
N ARG C 98 23.07 -13.80 -7.63
CA ARG C 98 23.36 -13.66 -9.06
C ARG C 98 22.52 -14.64 -9.88
N ASP C 99 21.22 -14.65 -9.62
CA ASP C 99 20.31 -15.63 -10.21
C ASP C 99 19.89 -15.13 -11.60
N ILE C 100 20.79 -15.31 -12.56
CA ILE C 100 20.58 -14.70 -13.87
C ILE C 100 21.15 -15.62 -14.94
N ALA C 101 20.49 -15.64 -16.09
CA ALA C 101 20.96 -16.43 -17.22
C ALA C 101 20.51 -15.76 -18.51
N LEU C 102 21.34 -15.90 -19.54
CA LEU C 102 21.05 -15.44 -20.90
C LEU C 102 20.85 -16.64 -21.83
N MET C 103 19.92 -16.53 -22.77
CA MET C 103 19.68 -17.61 -23.73
C MET C 103 19.67 -17.03 -25.13
N LYS C 104 20.50 -17.58 -26.02
CA LYS C 104 20.64 -17.07 -27.36
C LYS C 104 19.73 -17.86 -28.29
N LEU C 105 18.83 -17.16 -28.97
CA LEU C 105 17.92 -17.81 -29.91
C LEU C 105 18.70 -18.42 -31.07
N LYS C 106 18.26 -19.60 -31.53
CA LYS C 106 18.92 -20.23 -32.67
C LYS C 106 18.80 -19.37 -33.92
N LYS C 107 17.67 -18.68 -34.10
CA LYS C 107 17.46 -17.73 -35.19
C LYS C 107 16.78 -16.49 -34.63
N PRO C 108 17.05 -15.33 -35.20
CA PRO C 108 16.44 -14.09 -34.67
C PRO C 108 14.94 -14.15 -34.84
N VAL C 109 14.21 -13.69 -33.81
CA VAL C 109 12.76 -13.57 -33.95
C VAL C 109 12.45 -12.22 -34.58
N ALA C 110 11.38 -12.18 -35.35
CA ALA C 110 10.92 -10.95 -35.99
C ALA C 110 9.98 -10.21 -35.05
N PHE C 111 10.23 -8.92 -34.86
CA PHE C 111 9.36 -8.13 -34.01
C PHE C 111 8.01 -7.94 -34.69
N SER C 112 7.00 -7.65 -33.89
CA SER C 112 5.64 -7.52 -34.39
C SER C 112 4.88 -6.66 -33.39
N ASP C 113 3.56 -6.61 -33.52
CA ASP C 113 2.76 -5.94 -32.49
C ASP C 113 2.82 -6.67 -31.16
N TYR C 114 3.22 -7.93 -31.16
CA TYR C 114 3.12 -8.83 -30.01
C TYR C 114 4.47 -9.23 -29.46
N ILE C 115 5.54 -8.85 -30.15
CA ILE C 115 6.89 -9.30 -29.85
C ILE C 115 7.78 -8.09 -30.02
N HIS C 116 8.34 -7.60 -28.91
CA HIS C 116 9.14 -6.38 -28.95
C HIS C 116 9.97 -6.38 -27.67
N PRO C 117 11.23 -6.00 -27.73
CA PRO C 117 12.11 -6.15 -26.57
C PRO C 117 11.91 -5.04 -25.56
N VAL C 118 12.22 -5.36 -24.32
CA VAL C 118 12.23 -4.42 -23.20
C VAL C 118 13.63 -3.80 -23.10
N CYS C 119 13.72 -2.60 -22.53
CA CYS C 119 15.02 -1.97 -22.29
C CYS C 119 15.69 -2.51 -21.03
N LEU C 120 17.01 -2.52 -21.05
CA LEU C 120 17.75 -2.71 -19.81
C LEU C 120 18.14 -1.35 -19.21
N PRO C 121 18.10 -1.24 -17.89
CA PRO C 121 18.34 0.08 -17.25
C PRO C 121 19.77 0.57 -17.41
N ASP C 122 19.90 1.88 -17.59
CA ASP C 122 21.19 2.53 -17.38
C ASP C 122 21.29 3.01 -15.94
N ARG C 123 22.41 3.66 -15.61
CA ARG C 123 22.63 4.07 -14.23
C ARG C 123 21.58 5.08 -13.79
N GLU C 124 21.27 6.06 -14.66
CA GLU C 124 20.26 7.07 -14.33
C GLU C 124 18.92 6.41 -13.99
N THR C 125 18.47 5.49 -14.83
CA THR C 125 17.19 4.83 -14.63
C THR C 125 17.20 4.02 -13.33
N ALA C 126 18.27 3.29 -13.07
CA ALA C 126 18.37 2.53 -11.83
C ALA C 126 18.32 3.46 -10.62
N ALA C 127 19.11 4.54 -10.66
CA ALA C 127 19.18 5.41 -9.48
C ALA C 127 17.87 6.12 -9.27
N SER C 128 17.18 6.46 -10.36
CA SER C 128 15.92 7.20 -10.27
C SER C 128 14.77 6.31 -9.83
N LEU C 129 14.72 5.05 -10.29
CA LEU C 129 13.51 4.25 -10.15
C LEU C 129 13.57 3.15 -9.11
N LEU C 130 14.76 2.64 -8.77
CA LEU C 130 14.85 1.56 -7.78
CA LEU C 130 14.88 1.57 -7.79
C LEU C 130 14.86 2.17 -6.39
N GLN C 131 13.66 2.58 -5.96
CA GLN C 131 13.47 3.19 -4.65
C GLN C 131 12.26 2.58 -3.95
N ALA C 132 12.39 2.39 -2.63
CA ALA C 132 11.31 1.77 -1.88
C ALA C 132 10.04 2.60 -2.01
N GLY C 133 8.91 1.93 -2.22
CA GLY C 133 7.65 2.58 -2.46
C GLY C 133 7.29 2.73 -3.92
N TYR C 134 8.28 2.87 -4.81
CA TYR C 134 8.00 2.86 -6.25
C TYR C 134 7.58 1.46 -6.68
N LYS C 135 6.63 1.40 -7.60
CA LYS C 135 6.03 0.14 -8.00
C LYS C 135 6.60 -0.32 -9.34
N GLY C 136 6.83 -1.62 -9.44
CA GLY C 136 7.08 -2.25 -10.72
C GLY C 136 5.99 -3.24 -11.05
N ARG C 137 6.17 -4.01 -12.11
CA ARG C 137 5.12 -4.87 -12.64
C ARG C 137 5.71 -6.24 -12.93
N VAL C 138 5.02 -7.28 -12.48
CA VAL C 138 5.47 -8.67 -12.63
C VAL C 138 4.42 -9.42 -13.43
N THR C 139 4.86 -10.16 -14.43
CA THR C 139 3.98 -10.88 -15.33
C THR C 139 4.39 -12.34 -15.45
N GLY C 140 3.43 -13.22 -15.69
CA GLY C 140 3.75 -14.63 -15.75
C GLY C 140 2.52 -15.51 -15.90
N TRP C 141 2.78 -16.77 -16.26
CA TRP C 141 1.78 -17.81 -16.36
C TRP C 141 1.87 -18.81 -15.21
N GLY C 142 2.61 -18.50 -14.15
CA GLY C 142 2.74 -19.41 -13.03
C GLY C 142 1.46 -19.53 -12.20
N ASN C 143 1.60 -20.24 -11.09
CA ASN C 143 0.43 -20.61 -10.29
C ASN C 143 -0.31 -19.40 -9.74
N LEU C 144 -1.64 -19.53 -9.69
CA LEU C 144 -2.51 -18.55 -9.08
C LEU C 144 -2.41 -18.53 -7.56
N LYS C 145 -1.97 -19.63 -6.94
CA LYS C 145 -1.90 -19.70 -5.49
C LYS C 145 -0.79 -20.68 -5.13
N GLU C 146 -0.26 -20.50 -3.92
CA GLU C 146 0.93 -21.22 -3.45
C GLU C 146 0.88 -22.73 -3.72
N GLY C 155 -5.54 -24.34 -11.40
CA GLY C 155 -4.44 -23.67 -10.72
C GLY C 155 -3.55 -22.83 -11.64
N GLN C 156 -3.55 -23.19 -12.98
CA GLN C 156 -2.81 -22.56 -14.08
C GLN C 156 -3.72 -21.61 -14.84
N PRO C 157 -3.33 -20.35 -15.05
CA PRO C 157 -4.16 -19.44 -15.84
C PRO C 157 -3.94 -19.64 -17.33
N SER C 158 -4.93 -19.22 -18.10
CA SER C 158 -4.75 -19.20 -19.54
C SER C 158 -4.19 -17.86 -20.01
N VAL C 159 -4.78 -16.77 -19.57
CA VAL C 159 -4.30 -15.44 -19.97
C VAL C 159 -3.15 -15.06 -19.06
N LEU C 160 -2.09 -14.49 -19.65
CA LEU C 160 -0.98 -13.93 -18.90
C LEU C 160 -1.47 -13.07 -17.73
N GLN C 161 -0.90 -13.31 -16.57
CA GLN C 161 -1.28 -12.58 -15.36
C GLN C 161 -0.31 -11.43 -15.11
N VAL C 162 -0.84 -10.37 -14.49
CA VAL C 162 -0.12 -9.11 -14.27
C VAL C 162 -0.44 -8.62 -12.86
N VAL C 163 0.60 -8.19 -12.14
CA VAL C 163 0.43 -7.60 -10.81
C VAL C 163 1.46 -6.49 -10.64
N ASN C 164 1.02 -5.38 -10.04
CA ASN C 164 1.88 -4.25 -9.72
C ASN C 164 2.25 -4.30 -8.25
N LEU C 165 3.54 -4.12 -7.95
CA LEU C 165 4.05 -4.39 -6.61
C LEU C 165 5.11 -3.36 -6.23
N PRO C 166 5.09 -2.85 -4.99
CA PRO C 166 6.06 -1.83 -4.59
C PRO C 166 7.40 -2.42 -4.10
N ILE C 167 8.49 -1.76 -4.53
CA ILE C 167 9.79 -2.07 -3.97
CA ILE C 167 9.81 -2.04 -3.97
C ILE C 167 9.78 -1.83 -2.47
N VAL C 168 10.41 -2.74 -1.73
CA VAL C 168 10.42 -2.73 -0.28
C VAL C 168 11.81 -2.33 0.22
N GLU C 169 11.84 -1.58 1.33
CA GLU C 169 13.10 -1.16 1.95
C GLU C 169 13.93 -2.37 2.35
N ARG C 170 15.24 -2.26 2.09
CA ARG C 170 16.17 -3.36 2.37
C ARG C 170 16.04 -3.91 3.79
N PRO C 171 16.03 -3.09 4.87
CA PRO C 171 15.90 -3.69 6.22
C PRO C 171 14.68 -4.57 6.39
N VAL C 172 13.55 -4.15 5.84
CA VAL C 172 12.34 -4.97 5.89
C VAL C 172 12.54 -6.27 5.09
N CYS C 173 13.18 -6.18 3.92
CA CYS C 173 13.50 -7.38 3.13
C CYS C 173 14.33 -8.34 3.96
N LYS C 174 15.35 -7.81 4.63
CA LYS C 174 16.30 -8.62 5.39
C LYS C 174 15.64 -9.28 6.59
N ASP C 175 14.87 -8.52 7.36
CA ASP C 175 14.23 -9.05 8.56
C ASP C 175 13.15 -10.07 8.24
N SER C 176 12.69 -10.14 6.99
CA SER C 176 11.64 -11.09 6.67
C SER C 176 12.17 -12.50 6.43
N THR C 177 13.49 -12.71 6.43
CA THR C 177 13.99 -14.03 6.08
C THR C 177 15.34 -14.27 6.74
N ARG C 178 15.66 -15.56 6.89
CA ARG C 178 16.98 -15.95 7.38
C ARG C 178 17.99 -16.12 6.26
N ILE C 179 17.54 -16.14 5.00
CA ILE C 179 18.44 -16.21 3.86
C ILE C 179 19.35 -15.00 3.85
N ARG C 180 20.63 -15.21 3.60
CA ARG C 180 21.55 -14.08 3.48
C ARG C 180 21.28 -13.36 2.16
N ILE C 181 20.73 -12.14 2.23
CA ILE C 181 20.40 -11.31 1.08
CA ILE C 181 20.44 -11.41 1.01
C ILE C 181 21.63 -10.54 0.63
N THR C 182 21.68 -10.18 -0.65
CA THR C 182 22.82 -9.48 -1.22
C THR C 182 22.36 -8.26 -2.01
N ASP C 183 23.33 -7.46 -2.40
CA ASP C 183 23.07 -6.33 -3.27
C ASP C 183 22.69 -6.76 -4.69
N ASN C 184 22.78 -8.03 -5.03
CA ASN C 184 22.34 -8.48 -6.33
C ASN C 184 20.87 -8.88 -6.34
N MET C 185 20.15 -8.56 -5.26
CA MET C 185 18.72 -8.80 -5.13
C MET C 185 18.04 -7.54 -4.61
N PHE C 186 16.76 -7.39 -4.96
CA PHE C 186 15.87 -6.54 -4.21
C PHE C 186 14.60 -7.34 -3.92
N CYS C 187 13.79 -6.86 -2.97
CA CYS C 187 12.52 -7.50 -2.71
C CYS C 187 11.37 -6.52 -2.93
N ALA C 188 10.18 -7.07 -3.19
CA ALA C 188 9.00 -6.28 -3.48
C ALA C 188 7.77 -7.02 -3.00
N GLY C 189 6.70 -6.25 -2.82
CA GLY C 189 5.43 -6.74 -2.34
C GLY C 189 4.82 -5.82 -1.29
N TYR C 190 3.56 -6.02 -0.98
CA TYR C 190 2.88 -5.21 0.01
C TYR C 190 3.12 -5.74 1.41
N LYS C 191 3.27 -4.83 2.37
CA LYS C 191 3.39 -5.19 3.77
C LYS C 191 2.07 -5.76 4.29
N PRO C 192 2.09 -6.46 5.44
CA PRO C 192 0.86 -7.15 5.86
C PRO C 192 -0.28 -6.23 6.23
N ASP C 193 0.02 -5.03 6.72
CA ASP C 193 -1.03 -4.09 7.09
C ASP C 193 -1.32 -3.07 6.00
N GLU C 194 -0.80 -3.27 4.79
CA GLU C 194 -1.11 -2.40 3.66
C GLU C 194 -2.38 -2.90 2.96
N GLY C 195 -2.95 -2.03 2.13
CA GLY C 195 -4.27 -2.26 1.57
C GLY C 195 -4.33 -3.08 0.29
N LYS C 196 -3.29 -3.84 0.00
CA LYS C 196 -3.21 -4.65 -1.21
C LYS C 196 -2.28 -5.83 -0.91
N ARG C 197 -2.37 -6.86 -1.74
CA ARG C 197 -1.43 -7.97 -1.65
C ARG C 197 -1.09 -8.38 -3.08
N GLY C 198 -0.46 -9.56 -3.22
CA GLY C 198 -0.06 -10.06 -4.53
C GLY C 198 1.39 -10.48 -4.53
N ASP C 199 1.78 -11.35 -5.47
CA ASP C 199 3.13 -11.91 -5.50
C ASP C 199 3.29 -12.70 -6.79
N ALA C 200 4.55 -13.01 -7.10
CA ALA C 200 4.80 -14.06 -8.07
C ALA C 200 4.69 -15.42 -7.38
N CYS C 201 4.56 -16.47 -8.18
CA CYS C 201 4.49 -17.82 -7.62
C CYS C 201 5.21 -18.79 -8.54
N GLU C 202 5.03 -20.08 -8.28
CA GLU C 202 5.76 -21.10 -9.03
C GLU C 202 5.40 -21.04 -10.50
N GLY C 203 6.40 -21.08 -11.36
CA GLY C 203 6.21 -20.91 -12.77
C GLY C 203 6.39 -19.50 -13.25
N ASP C 204 6.49 -18.53 -12.34
CA ASP C 204 6.77 -17.16 -12.73
C ASP C 204 8.25 -16.87 -12.70
N SER C 205 9.05 -17.71 -12.03
CA SER C 205 10.50 -17.54 -11.96
C SER C 205 11.04 -17.31 -13.37
N GLY C 206 12.08 -16.46 -13.46
CA GLY C 206 12.65 -16.08 -14.74
C GLY C 206 11.92 -14.96 -15.45
N GLY C 207 10.66 -14.70 -15.12
CA GLY C 207 9.90 -13.61 -15.68
C GLY C 207 10.38 -12.24 -15.23
N PRO C 208 9.95 -11.19 -15.94
CA PRO C 208 10.48 -9.85 -15.69
C PRO C 208 9.69 -9.06 -14.66
N PHE C 209 10.44 -8.29 -13.86
CA PHE C 209 9.93 -7.21 -13.03
C PHE C 209 10.27 -5.91 -13.77
N VAL C 210 9.24 -5.20 -14.26
CA VAL C 210 9.49 -4.05 -15.12
C VAL C 210 8.98 -2.79 -14.45
N MET C 211 9.55 -1.65 -14.90
CA MET C 211 9.14 -0.32 -14.47
C MET C 211 9.03 0.57 -15.70
N LYS C 212 8.01 1.44 -15.73
CA LYS C 212 7.86 2.40 -16.81
C LYS C 212 8.47 3.75 -16.41
N SER C 213 9.47 4.20 -17.16
CA SER C 213 10.16 5.45 -16.84
C SER C 213 9.28 6.65 -17.18
N PRO C 214 8.97 7.53 -16.22
CA PRO C 214 8.22 8.76 -16.56
C PRO C 214 9.04 9.73 -17.39
N PHE C 215 10.35 9.52 -17.52
CA PHE C 215 11.26 10.41 -18.23
C PHE C 215 11.24 10.21 -19.75
N ASN C 216 11.03 8.97 -20.22
CA ASN C 216 11.03 8.70 -21.65
C ASN C 216 9.92 7.75 -22.07
N ASN C 217 8.99 7.41 -21.16
CA ASN C 217 7.82 6.57 -21.42
C ASN C 217 8.20 5.14 -21.83
N ARG C 218 9.45 4.74 -21.69
CA ARG C 218 9.91 3.40 -22.00
C ARG C 218 9.83 2.50 -20.77
N TRP C 219 9.60 1.21 -21.04
CA TRP C 219 9.62 0.18 -20.01
C TRP C 219 11.01 -0.42 -19.86
N TYR C 220 11.41 -0.64 -18.62
CA TYR C 220 12.74 -1.14 -18.29
C TYR C 220 12.63 -2.36 -17.39
N GLN C 221 13.46 -3.36 -17.65
CA GLN C 221 13.48 -4.55 -16.81
C GLN C 221 14.47 -4.34 -15.67
N MET C 222 13.93 -4.17 -14.47
CA MET C 222 14.74 -3.92 -13.29
C MET C 222 15.06 -5.21 -12.53
N GLY C 223 14.19 -6.23 -12.60
CA GLY C 223 14.41 -7.45 -11.86
C GLY C 223 14.03 -8.70 -12.65
N ILE C 224 14.51 -9.84 -12.16
CA ILE C 224 14.08 -11.16 -12.61
C ILE C 224 13.45 -11.85 -11.41
N VAL C 225 12.26 -12.43 -11.60
CA VAL C 225 11.60 -13.21 -10.55
C VAL C 225 12.56 -14.31 -10.10
N SER C 226 13.02 -14.25 -8.86
CA SER C 226 14.08 -15.12 -8.37
C SER C 226 13.55 -16.09 -7.32
N TRP C 227 13.12 -15.61 -6.15
CA TRP C 227 12.76 -16.57 -5.12
C TRP C 227 11.86 -15.93 -4.08
N GLY C 228 11.18 -16.79 -3.33
CA GLY C 228 10.35 -16.34 -2.23
C GLY C 228 9.97 -17.53 -1.37
N GLU C 229 9.65 -17.22 -0.13
CA GLU C 229 9.19 -18.23 0.83
C GLU C 229 7.70 -18.42 0.62
N GLY C 230 7.34 -19.44 -0.16
CA GLY C 230 5.97 -19.59 -0.58
C GLY C 230 5.57 -18.49 -1.56
N CYS C 231 4.26 -18.26 -1.65
CA CYS C 231 3.71 -17.22 -2.51
C CYS C 231 2.70 -16.39 -1.74
N ASP C 232 2.85 -15.06 -1.82
CA ASP C 232 1.88 -14.11 -1.26
C ASP C 232 1.62 -14.33 0.23
N ARG C 233 2.66 -14.67 1.00
CA ARG C 233 2.50 -14.84 2.44
C ARG C 233 2.71 -13.51 3.17
N ASP C 234 1.76 -13.16 4.05
CA ASP C 234 1.88 -11.98 4.91
C ASP C 234 3.25 -11.97 5.60
N GLY C 235 3.94 -10.84 5.51
CA GLY C 235 5.25 -10.68 6.12
C GLY C 235 6.42 -11.21 5.32
N LYS C 236 6.16 -11.85 4.18
CA LYS C 236 7.18 -12.31 3.27
C LYS C 236 7.12 -11.48 2.00
N TYR C 237 8.20 -11.55 1.21
CA TYR C 237 8.30 -10.75 0.00
C TYR C 237 8.92 -11.58 -1.10
N GLY C 238 8.60 -11.21 -2.33
CA GLY C 238 9.27 -11.78 -3.47
C GLY C 238 10.63 -11.12 -3.66
N PHE C 239 11.60 -11.94 -4.00
CA PHE C 239 12.97 -11.51 -4.22
C PHE C 239 13.31 -11.60 -5.71
N TYR C 240 14.06 -10.61 -6.18
CA TYR C 240 14.27 -10.37 -7.61
C TYR C 240 15.75 -10.15 -7.87
N THR C 241 16.24 -10.76 -8.94
CA THR C 241 17.61 -10.49 -9.36
C THR C 241 17.73 -9.05 -9.83
N HIS C 242 18.76 -8.35 -9.33
CA HIS C 242 19.01 -6.94 -9.61
C HIS C 242 19.66 -6.82 -10.98
N VAL C 243 18.86 -6.51 -12.00
CA VAL C 243 19.34 -6.55 -13.39
C VAL C 243 20.46 -5.53 -13.61
N PHE C 244 20.26 -4.28 -13.18
CA PHE C 244 21.30 -3.27 -13.40
C PHE C 244 22.63 -3.71 -12.79
N ARG C 245 22.58 -4.24 -11.56
CA ARG C 245 23.81 -4.70 -10.92
C ARG C 245 24.55 -5.73 -11.74
N LEU C 246 23.83 -6.55 -12.49
CA LEU C 246 24.45 -7.58 -13.29
C LEU C 246 24.67 -7.15 -14.74
N LYS C 247 24.57 -5.85 -15.04
CA LYS C 247 24.49 -5.47 -16.44
C LYS C 247 25.83 -5.63 -17.16
N LYS C 248 26.95 -5.39 -16.47
CA LYS C 248 28.23 -5.60 -17.16
C LYS C 248 28.42 -7.05 -17.57
N TRP C 249 28.00 -8.00 -16.72
CA TRP C 249 28.01 -9.40 -17.15
C TRP C 249 27.12 -9.60 -18.37
N ILE C 250 25.90 -9.04 -18.34
CA ILE C 250 25.01 -9.16 -19.48
C ILE C 250 25.68 -8.66 -20.74
N GLN C 251 26.29 -7.48 -20.65
CA GLN C 251 26.91 -6.86 -21.81
C GLN C 251 28.11 -7.67 -22.30
N LYS C 252 28.89 -8.22 -21.38
CA LYS C 252 30.03 -9.05 -21.76
C LYS C 252 29.60 -10.28 -22.57
N VAL C 253 28.57 -10.98 -22.11
CA VAL C 253 28.08 -12.17 -22.82
C VAL C 253 27.58 -11.80 -24.20
N ILE C 254 26.75 -10.75 -24.29
CA ILE C 254 26.16 -10.39 -25.58
C ILE C 254 27.26 -9.95 -26.55
N ASP C 255 28.24 -9.20 -26.06
CA ASP C 255 29.27 -8.66 -26.95
C ASP C 255 30.19 -9.76 -27.49
N GLN C 256 30.62 -10.69 -26.64
CA GLN C 256 31.54 -11.74 -27.09
C GLN C 256 30.88 -12.68 -28.09
N PHE C 257 29.74 -13.26 -27.74
CA PHE C 257 29.14 -14.36 -28.50
C PHE C 257 28.07 -13.88 -29.47
N GLY C 258 28.35 -12.85 -30.26
CA GLY C 258 27.40 -12.36 -31.24
C GLY C 258 28.05 -11.60 -32.38
N ALA D 7 2.05 -4.41 13.73
CA ALA D 7 1.51 -5.25 12.66
C ALA D 7 0.17 -5.85 13.05
N ASP D 8 -0.36 -5.36 14.19
CA ASP D 8 -1.63 -5.81 14.72
C ASP D 8 -2.67 -4.70 14.74
N CYS D 9 -2.35 -3.55 14.16
CA CYS D 9 -3.24 -2.39 14.23
C CYS D 9 -4.58 -2.71 13.59
N GLY D 10 -5.61 -1.99 14.04
CA GLY D 10 -6.89 -2.02 13.39
C GLY D 10 -7.76 -3.21 13.70
N LEU D 11 -7.30 -4.18 14.48
CA LEU D 11 -8.04 -5.40 14.74
C LEU D 11 -8.40 -5.43 16.22
N ARG D 12 -9.70 -5.26 16.52
CA ARG D 12 -10.16 -5.04 17.88
C ARG D 12 -10.21 -6.36 18.65
N PRO D 13 -9.56 -6.45 19.83
CA PRO D 13 -9.71 -7.62 20.71
C PRO D 13 -11.14 -8.14 20.85
N LEU D 14 -12.11 -7.28 21.13
CA LEU D 14 -13.46 -7.75 21.44
C LEU D 14 -14.37 -7.86 20.22
N PHE D 15 -13.83 -7.68 19.01
CA PHE D 15 -14.69 -7.83 17.84
C PHE D 15 -14.01 -8.64 16.75
N GLU D 16 -13.08 -8.06 16.00
CA GLU D 16 -12.46 -8.81 14.90
C GLU D 16 -11.75 -10.04 15.42
N LYS D 17 -11.11 -9.94 16.59
CA LYS D 17 -10.34 -11.06 17.13
C LYS D 17 -11.25 -12.17 17.64
N LYS D 18 -12.49 -11.83 18.01
CA LYS D 18 -13.49 -12.82 18.41
C LYS D 18 -14.47 -13.14 17.31
N SER D 19 -14.19 -12.72 16.07
CA SER D 19 -15.13 -12.84 14.95
C SER D 19 -16.53 -12.35 15.34
N LEU D 20 -16.55 -11.21 16.01
CA LEU D 20 -17.77 -10.52 16.41
C LEU D 20 -17.87 -9.18 15.69
N GLU D 21 -19.07 -8.87 15.21
CA GLU D 21 -19.29 -7.64 14.46
CA GLU D 21 -19.37 -7.67 14.43
C GLU D 21 -20.02 -6.64 15.34
N ASP D 22 -19.53 -5.38 15.31
CA ASP D 22 -20.21 -4.39 16.15
C ASP D 22 -21.54 -4.02 15.50
N LYS D 23 -22.33 -3.21 16.21
CA LYS D 23 -23.74 -3.05 15.85
C LYS D 23 -23.95 -2.25 14.56
N THR D 24 -23.00 -1.41 14.14
CA THR D 24 -23.21 -0.57 12.95
C THR D 24 -22.13 -0.67 11.89
N GLU D 25 -21.13 -1.54 12.04
CA GLU D 25 -20.07 -1.60 11.06
C GLU D 25 -20.58 -2.06 9.69
N ARG D 26 -21.68 -2.82 9.66
CA ARG D 26 -22.21 -3.26 8.37
C ARG D 26 -22.66 -2.06 7.53
N GLU D 27 -23.16 -1.01 8.17
CA GLU D 27 -23.54 0.17 7.41
CA GLU D 27 -23.53 0.19 7.43
C GLU D 27 -22.35 0.75 6.65
N LEU D 28 -21.13 0.63 7.21
CA LEU D 28 -19.94 1.11 6.50
C LEU D 28 -19.63 0.22 5.30
N LEU D 29 -19.63 -1.09 5.51
CA LEU D 29 -19.31 -2.02 4.43
C LEU D 29 -20.25 -1.82 3.25
N GLU D 30 -21.53 -1.56 3.55
CA GLU D 30 -22.54 -1.38 2.51
C GLU D 30 -22.35 -0.09 1.73
N SER D 31 -21.75 0.93 2.35
CA SER D 31 -21.52 2.17 1.62
C SER D 31 -20.49 1.97 0.52
N TYR D 32 -19.63 0.95 0.64
CA TYR D 32 -18.75 0.58 -0.47
C TYR D 32 -19.53 0.08 -1.69
N ILE D 33 -20.69 -0.54 -1.48
CA ILE D 33 -21.53 -0.94 -2.60
C ILE D 33 -22.38 0.21 -3.10
N ASP D 34 -23.17 0.80 -2.21
CA ASP D 34 -24.16 1.80 -2.60
C ASP D 34 -23.58 3.19 -2.79
N GLY D 35 -22.52 3.54 -2.05
CA GLY D 35 -22.06 4.93 -1.96
C GLY D 35 -21.47 5.48 -3.25
N ARG D 36 -21.10 4.61 -4.19
CA ARG D 36 -20.59 5.04 -5.49
C ARG D 36 -21.08 4.15 -6.60
O2 ODB E . -14.09 28.53 15.06
O2 ODB E . -14.06 28.55 15.16
C8 ODB E . -11.96 25.49 15.70
C8 ODB E . -11.88 25.50 15.92
C7 ODB E . -12.86 24.24 15.36
C7 ODB E . -12.59 24.09 16.09
C6 ODB E . -14.32 24.20 16.06
C6 ODB E . -14.14 24.19 15.58
N1 ODB E . -17.74 19.04 12.50
N1 ODB E . -17.87 18.95 12.48
C5 ODB E . -16.74 24.45 15.58
C5 ODB E . -16.48 24.46 16.18
C4 ODB E . -17.00 23.24 16.36
C4 ODB E . -17.30 23.33 16.72
C3 ODB E . -16.92 22.23 15.17
C3 ODB E . -18.01 22.58 15.53
C2 ODB E . -17.54 20.91 15.59
C2 ODB E . -17.53 21.07 15.52
O1 ODB E . -14.52 23.96 17.15
O1 ODB E . -14.44 24.14 14.46
S1 ODB E . -18.13 28.24 14.31
S1 ODB E . -18.57 28.35 14.17
C1 ODB E . -17.20 19.59 13.45
C1 ODB E . -17.33 19.56 13.45
C10 ODB E . -11.76 26.41 17.78
C10 ODB E . -11.79 26.46 18.01
C11 ODB E . -13.06 26.91 17.18
C11 ODB E . -13.11 26.92 17.35
C12 ODB E . -13.56 27.51 14.86
C12 ODB E . -13.64 27.45 14.97
C13 ODB E . -12.78 27.28 13.48
C13 ODB E . -12.96 27.07 13.54
C14 ODB E . -13.06 27.60 11.10
C14 ODB E . -13.00 27.61 11.11
C15 ODB E . -11.85 28.54 11.12
C15 ODB E . -11.78 28.56 11.10
C16 ODB E . -10.61 27.99 10.82
C16 ODB E . -10.50 28.04 10.83
C17 ODB E . -9.51 28.80 10.81
C17 ODB E . -9.40 28.89 10.82
C18 ODB E . -9.62 30.15 11.08
C18 ODB E . -9.57 30.27 11.08
C19 ODB E . -10.86 30.69 11.39
C19 ODB E . -10.85 30.78 11.35
C20 ODB E . -11.98 29.90 11.41
C20 ODB E . -11.96 29.91 11.36
C21 ODB E . -13.36 30.59 11.72
C21 ODB E . -13.41 30.49 11.66
C22 ODB E . -15.12 27.03 12.42
C22 ODB E . -15.21 27.09 12.28
C23 ODB E . -16.07 27.97 11.53
C23 ODB E . -16.15 28.01 11.33
C24 ODB E . -16.11 27.78 10.16
C24 ODB E . -16.11 27.86 9.94
C25 ODB E . -16.91 28.57 9.35
C25 ODB E . -16.92 28.66 9.13
C26 ODB E . -17.67 29.57 9.93
C26 ODB E . -17.79 29.60 9.71
C27 ODB E . -17.63 29.77 11.29
C27 ODB E . -17.83 29.76 11.09
C28 ODB E . -16.82 28.97 12.10
C28 ODB E . -17.01 28.96 11.91
C29 ODB E . -16.80 29.22 13.67
C29 ODB E . -17.06 29.13 13.51
C30 ODB E . -18.34 28.38 16.16
C30 ODB E . -18.49 28.30 16.07
C31 ODB E . -16.95 28.09 16.78
C31 ODB E . -16.98 28.26 16.52
C32 ODB E . -16.99 28.11 18.29
C32 ODB E . -16.89 28.43 18.06
C33 ODB E . -17.31 25.72 16.27
C33 ODB E . -17.13 25.84 16.62
C9 ODB E . -11.31 25.29 16.77
C9 ODB E . -11.02 25.68 16.86
N2 ODB E . -15.82 19.51 13.72
N2 ODB E . -15.91 19.45 13.66
N3 ODB E . -18.09 20.27 14.39
N3 ODB E . -18.16 20.37 14.38
N4 ODB E . -15.37 24.48 15.08
N4 ODB E . -15.12 24.38 16.72
N5 ODB E . -12.83 26.83 15.93
N5 ODB E . -12.96 26.71 16.08
N6 ODB E . -13.71 27.77 12.40
N6 ODB E . -13.73 27.75 12.40
N7 ODB E . -16.96 29.37 18.95
N7 ODB E . -17.11 27.29 18.92
N8 ODB E . -16.41 26.90 16.20
N8 ODB E . -16.36 27.03 16.10
O3 ODB E . -13.78 30.40 12.99
O3 ODB E . -13.66 30.40 13.01
O4 ODB E . -17.03 27.12 18.90
O4 ODB E . -16.63 29.49 18.52
O5 ODB E . -18.37 25.74 16.74
O5 ODB E . -18.11 25.92 17.28
C1 NAG F . 6.81 28.46 21.08
C2 NAG F . 5.48 28.45 21.86
C3 NAG F . 5.72 28.30 23.35
C4 NAG F . 6.61 27.09 23.60
C5 NAG F . 8.01 27.38 23.05
C6 NAG F . 8.68 26.17 22.42
C7 NAG F . 3.80 29.76 20.60
C8 NAG F . 3.65 28.57 19.70
N2 NAG F . 4.69 29.65 21.59
O1 NAG F . 6.85 27.41 20.18
O3 NAG F . 4.47 28.12 24.01
O4 NAG F . 6.72 26.85 25.00
O5 NAG F . 7.97 28.43 22.05
O6 NAG F . 9.44 26.49 21.27
O7 NAG F . 3.15 30.78 20.43
C1 EDO G . -13.05 15.56 0.06
O1 EDO G . -14.02 15.69 1.13
C2 EDO G . -13.09 14.15 -0.55
O2 EDO G . -11.76 13.60 -0.58
C1 EDO H . -18.65 24.18 6.43
O1 EDO H . -19.51 23.13 5.94
C2 EDO H . -18.12 23.87 7.83
O2 EDO H . -19.19 23.40 8.66
C1 EDO I . -2.84 4.38 -6.28
O1 EDO I . -1.77 5.33 -6.21
C2 EDO I . -2.79 3.44 -5.07
O2 EDO I . -2.88 2.09 -5.55
NA NA J . -24.73 18.99 8.44
O2 ODB K . 13.41 -23.10 -2.49
C8 ODB K . 13.84 -21.44 -5.93
C7 ODB K . 12.55 -20.68 -6.44
C6 ODB K . 11.58 -20.34 -5.18
N1 ODB K . 7.22 -15.69 -4.12
C5 ODB K . 9.46 -20.74 -4.05
C4 ODB K . 8.15 -20.22 -4.49
C3 ODB K . 8.34 -19.30 -5.78
C2 ODB K . 7.38 -18.08 -5.70
O1 ODB K . 11.88 -19.60 -4.32
S1 ODB K . 10.26 -21.83 -0.05
C1 ODB K . 7.99 -15.65 -5.11
C10 ODB K . 13.72 -23.61 -6.69
C11 ODB K . 13.03 -23.59 -5.32
C12 ODB K . 13.44 -22.20 -3.28
C13 ODB K . 14.30 -20.85 -2.96
C14 ODB K . 15.50 -19.77 -1.08
C15 ODB K . 16.79 -20.63 -1.16
C16 ODB K . 17.86 -20.21 -1.96
C17 ODB K . 19.02 -20.99 -2.04
C18 ODB K . 19.11 -22.18 -1.30
C19 ODB K . 18.04 -22.58 -0.50
C20 ODB K . 16.88 -21.81 -0.43
C21 ODB K . 15.67 -22.28 0.49
C22 ODB K . 12.96 -19.86 -0.99
C23 ODB K . 12.92 -19.73 0.63
C24 ODB K . 13.38 -18.56 1.25
C25 ODB K . 13.34 -18.44 2.64
C26 ODB K . 12.85 -19.51 3.42
C27 ODB K . 12.39 -20.67 2.81
C28 ODB K . 12.42 -20.79 1.41
C29 ODB K . 11.88 -22.13 0.69
C30 ODB K . 9.52 -23.46 -0.69
C31 ODB K . 10.27 -23.89 -2.01
C32 ODB K . 9.41 -24.87 -2.80
C33 ODB K . 9.25 -22.02 -3.16
C9 ODB K . 14.35 -22.16 -6.88
N2 ODB K . 8.73 -14.43 -5.40
N3 ODB K . 8.14 -16.83 -6.00
N4 ODB K . 10.27 -21.09 -5.21
N5 ODB K . 13.46 -22.49 -4.75
N6 ODB K . 14.32 -20.60 -1.44
N7 ODB K . 9.05 -24.58 -4.17
N8 ODB K . 10.55 -22.72 -2.81
O3 ODB K . 15.01 -23.32 -0.11
O4 ODB K . 9.05 -25.88 -2.29
O5 ODB K . 8.18 -22.40 -2.79
C1 NAG L . 28.25 -29.68 -16.11
C2 NAG L . 26.74 -29.96 -16.14
C3 NAG L . 26.37 -30.87 -17.33
C4 NAG L . 26.95 -30.33 -18.62
C5 NAG L . 28.45 -30.15 -18.48
C6 NAG L . 29.12 -29.59 -19.72
C7 NAG L . 26.24 -29.91 -13.72
C8 NAG L . 25.74 -30.70 -12.55
N2 NAG L . 26.29 -30.56 -14.89
O1 NAG L . 28.50 -28.69 -15.17
O3 NAG L . 24.96 -30.96 -17.44
O4 NAG L . 26.66 -31.22 -19.70
O5 NAG L . 28.69 -29.21 -17.41
O6 NAG L . 30.30 -30.32 -20.04
O7 NAG L . 26.60 -28.74 -13.61
C1 EDO M . 11.02 -13.81 2.88
O1 EDO M . 10.51 -12.49 2.62
C2 EDO M . 11.31 -14.51 1.56
O2 EDO M . 10.11 -14.68 0.79
NA NA N . 3.58 -11.10 1.26
#